data_1VF2
#
_entry.id   1VF2
#
_cell.length_a   101.316
_cell.length_b   115.346
_cell.length_c   95.145
_cell.angle_alpha   90.00
_cell.angle_beta   90.00
_cell.angle_gamma   90.00
#
_symmetry.space_group_name_H-M   'C 2 2 21'
#
loop_
_entity.id
_entity.type
_entity.pdbx_description
1 polymer 'Glutathione S-transferase 3'
2 non-polymer S-HEXYLGLUTATHIONE
3 non-polymer 'ZINC ION'
4 water water
#
_entity_poly.entity_id   1
_entity_poly.type   'polypeptide(L)'
_entity_poly.pdbx_seq_one_letter_code
;MAAKPVLYYFNGRGKMESIRWLLAAAGVEFEEVFLETREQYEKLLQSGILMFQQVPMVEIDGMKLVQTRAILNYIAGKYN
LYGKDLKERALIDMYVGGTDDLMGFLLSFPFLSAEDKVKQCAFVVEKATSRYFPAYEKVLKDHGQDFLVGNRLSWADIHL
LEAILMVEEKKSDALSGFPLLQAFKKRISSIPTIKKFLAPGSKRKPISDDKYVETVRRVLRMYYDVKPH
;
_entity_poly.pdbx_strand_id   A,B
#
# COMPACT_ATOMS: atom_id res chain seq x y z
N LYS A 4 -12.84 -15.81 -17.40
CA LYS A 4 -12.68 -14.34 -17.63
C LYS A 4 -12.86 -13.62 -16.31
N PRO A 5 -11.82 -12.89 -15.85
CA PRO A 5 -11.86 -12.15 -14.60
C PRO A 5 -12.94 -11.08 -14.57
N VAL A 6 -13.67 -11.01 -13.47
CA VAL A 6 -14.75 -10.05 -13.29
C VAL A 6 -14.33 -9.00 -12.26
N LEU A 7 -14.52 -7.73 -12.59
CA LEU A 7 -14.13 -6.65 -11.69
C LEU A 7 -15.32 -5.96 -11.04
N TYR A 8 -15.35 -5.95 -9.72
CA TYR A 8 -16.43 -5.33 -8.99
C TYR A 8 -16.05 -3.95 -8.45
N TYR A 9 -16.74 -2.92 -8.92
CA TYR A 9 -16.47 -1.57 -8.49
C TYR A 9 -17.54 -0.67 -9.07
N PHE A 10 -17.33 0.64 -8.92
CA PHE A 10 -18.26 1.62 -9.45
C PHE A 10 -17.86 1.97 -10.87
N ASN A 11 -18.79 2.56 -11.61
CA ASN A 11 -18.52 2.95 -13.00
C ASN A 11 -17.60 4.18 -13.01
N GLY A 12 -16.31 3.94 -12.75
CA GLY A 12 -15.36 5.03 -12.72
C GLY A 12 -13.95 4.56 -12.41
N ARG A 13 -13.01 5.50 -12.34
CA ARG A 13 -11.62 5.17 -12.07
C ARG A 13 -11.38 4.65 -10.67
N GLY A 14 -11.39 5.54 -9.70
CA GLY A 14 -11.16 5.13 -8.32
C GLY A 14 -9.91 4.28 -8.19
N LYS A 15 -9.97 3.27 -7.33
CA LYS A 15 -8.84 2.39 -7.09
C LYS A 15 -8.81 1.20 -8.05
N MET A 16 -9.87 1.04 -8.84
CA MET A 16 -9.96 -0.07 -9.79
C MET A 16 -9.27 0.20 -11.14
N GLU A 17 -9.08 1.47 -11.48
CA GLU A 17 -8.46 1.87 -12.76
C GLU A 17 -7.09 1.25 -13.07
N SER A 18 -6.22 1.20 -12.08
CA SER A 18 -4.89 0.63 -12.28
C SER A 18 -4.98 -0.86 -12.62
N ILE A 19 -5.97 -1.52 -12.05
CA ILE A 19 -6.18 -2.94 -12.30
C ILE A 19 -6.62 -3.12 -13.76
N ARG A 20 -7.47 -2.22 -14.22
CA ARG A 20 -7.93 -2.26 -15.60
C ARG A 20 -6.71 -2.09 -16.50
N TRP A 21 -5.87 -1.10 -16.19
CA TRP A 21 -4.66 -0.85 -16.96
C TRP A 21 -3.76 -2.07 -17.06
N LEU A 22 -3.56 -2.74 -15.93
CA LEU A 22 -2.66 -3.90 -15.90
C LEU A 22 -3.19 -5.09 -16.72
N LEU A 23 -4.48 -5.39 -16.58
CA LEU A 23 -5.09 -6.49 -17.33
C LEU A 23 -5.00 -6.19 -18.82
N ALA A 24 -5.40 -4.98 -19.20
CA ALA A 24 -5.37 -4.58 -20.59
C ALA A 24 -3.95 -4.66 -21.16
N ALA A 25 -2.96 -4.17 -20.42
CA ALA A 25 -1.59 -4.21 -20.91
C ALA A 25 -1.15 -5.66 -21.15
N ALA A 26 -1.61 -6.56 -20.28
CA ALA A 26 -1.25 -7.97 -20.41
C ALA A 26 -2.03 -8.62 -21.57
N GLY A 27 -3.00 -7.89 -22.10
CA GLY A 27 -3.80 -8.42 -23.19
C GLY A 27 -4.85 -9.40 -22.70
N VAL A 28 -5.46 -9.09 -21.55
CA VAL A 28 -6.47 -9.95 -20.96
C VAL A 28 -7.83 -9.24 -20.92
N GLU A 29 -8.84 -9.84 -21.55
CA GLU A 29 -10.18 -9.26 -21.56
C GLU A 29 -10.84 -9.54 -20.22
N PHE A 30 -11.69 -8.62 -19.78
CA PHE A 30 -12.37 -8.75 -18.49
C PHE A 30 -13.77 -8.19 -18.52
N GLU A 31 -14.59 -8.62 -17.58
CA GLU A 31 -15.97 -8.17 -17.45
C GLU A 31 -16.07 -7.27 -16.23
N GLU A 32 -17.05 -6.37 -16.22
CA GLU A 32 -17.20 -5.48 -15.09
C GLU A 32 -18.60 -5.53 -14.51
N VAL A 33 -18.71 -5.28 -13.21
CA VAL A 33 -19.97 -5.27 -12.49
C VAL A 33 -20.03 -3.99 -11.69
N PHE A 34 -20.76 -3.00 -12.18
CA PHE A 34 -20.87 -1.72 -11.48
C PHE A 34 -21.91 -1.71 -10.37
N LEU A 35 -21.54 -1.13 -9.24
CA LEU A 35 -22.44 -1.03 -8.10
C LEU A 35 -23.19 0.27 -8.24
N GLU A 36 -24.51 0.19 -8.35
CA GLU A 36 -25.32 1.40 -8.49
C GLU A 36 -26.25 1.63 -7.30
N THR A 37 -26.79 0.55 -6.74
CA THR A 37 -27.70 0.68 -5.60
C THR A 37 -27.12 0.16 -4.29
N ARG A 38 -27.53 0.81 -3.20
CA ARG A 38 -27.08 0.46 -1.87
C ARG A 38 -27.50 -0.99 -1.59
N GLU A 39 -28.71 -1.34 -2.02
CA GLU A 39 -29.22 -2.69 -1.81
C GLU A 39 -28.38 -3.72 -2.56
N GLN A 40 -27.76 -3.29 -3.66
CA GLN A 40 -26.92 -4.20 -4.45
C GLN A 40 -25.62 -4.50 -3.70
N TYR A 41 -25.13 -3.50 -2.95
CA TYR A 41 -23.92 -3.64 -2.18
C TYR A 41 -24.18 -4.54 -0.97
N GLU A 42 -25.31 -4.30 -0.29
CA GLU A 42 -25.69 -5.08 0.87
C GLU A 42 -25.81 -6.55 0.49
N LYS A 43 -26.22 -6.82 -0.74
CA LYS A 43 -26.35 -8.18 -1.22
C LYS A 43 -24.97 -8.84 -1.18
N LEU A 44 -23.96 -8.09 -1.62
CA LEU A 44 -22.59 -8.58 -1.62
C LEU A 44 -22.17 -8.95 -0.21
N LEU A 45 -22.38 -8.02 0.72
CA LEU A 45 -22.04 -8.25 2.11
C LEU A 45 -22.73 -9.51 2.61
N GLN A 46 -24.00 -9.65 2.24
CA GLN A 46 -24.81 -10.79 2.64
C GLN A 46 -24.10 -12.09 2.31
N SER A 47 -23.68 -12.24 1.06
CA SER A 47 -22.98 -13.44 0.63
C SER A 47 -21.57 -13.46 1.22
N GLY A 48 -21.18 -12.33 1.81
CA GLY A 48 -19.87 -12.22 2.41
C GLY A 48 -18.73 -12.57 1.46
N ILE A 49 -18.75 -11.99 0.27
CA ILE A 49 -17.71 -12.25 -0.73
C ILE A 49 -16.58 -11.23 -0.58
N LEU A 50 -16.89 -10.12 0.08
CA LEU A 50 -15.92 -9.06 0.33
C LEU A 50 -15.31 -9.29 1.71
N MET A 51 -14.17 -9.97 1.76
CA MET A 51 -13.54 -10.27 3.04
C MET A 51 -13.54 -9.14 4.04
N PHE A 52 -13.32 -7.91 3.58
CA PHE A 52 -13.30 -6.77 4.50
C PHE A 52 -14.43 -5.81 4.24
N GLN A 53 -15.50 -6.31 3.62
CA GLN A 53 -16.68 -5.51 3.32
C GLN A 53 -16.32 -4.36 2.39
N GLN A 54 -15.25 -4.53 1.61
CA GLN A 54 -14.80 -3.46 0.71
C GLN A 54 -14.56 -3.89 -0.74
N VAL A 55 -14.51 -2.90 -1.61
CA VAL A 55 -14.21 -3.06 -3.04
C VAL A 55 -13.04 -2.08 -3.24
N PRO A 56 -12.23 -2.27 -4.30
CA PRO A 56 -12.27 -3.28 -5.35
C PRO A 56 -12.36 -4.71 -4.88
N MET A 57 -12.85 -5.55 -5.79
CA MET A 57 -12.98 -7.00 -5.57
C MET A 57 -12.89 -7.57 -6.97
N VAL A 58 -12.05 -8.56 -7.17
CA VAL A 58 -11.88 -9.15 -8.48
C VAL A 58 -11.98 -10.67 -8.41
N GLU A 59 -12.79 -11.25 -9.30
CA GLU A 59 -12.95 -12.70 -9.38
C GLU A 59 -12.00 -13.13 -10.49
N ILE A 60 -11.00 -13.91 -10.11
CA ILE A 60 -10.04 -14.38 -11.08
C ILE A 60 -9.46 -15.69 -10.58
N ASP A 61 -9.26 -16.62 -11.51
CA ASP A 61 -8.73 -17.95 -11.22
C ASP A 61 -9.36 -18.59 -9.98
N GLY A 62 -10.69 -18.47 -9.89
CA GLY A 62 -11.41 -19.05 -8.77
C GLY A 62 -11.11 -18.43 -7.42
N MET A 63 -10.93 -17.12 -7.39
CA MET A 63 -10.65 -16.41 -6.14
C MET A 63 -11.42 -15.10 -6.07
N LYS A 64 -11.83 -14.74 -4.86
CA LYS A 64 -12.53 -13.50 -4.62
C LYS A 64 -11.49 -12.59 -3.93
N LEU A 65 -10.55 -12.09 -4.71
CA LEU A 65 -9.50 -11.23 -4.17
C LEU A 65 -9.91 -9.79 -3.89
N VAL A 66 -9.59 -9.33 -2.68
CA VAL A 66 -9.85 -7.96 -2.28
C VAL A 66 -8.49 -7.36 -1.95
N GLN A 67 -8.44 -6.04 -1.77
CA GLN A 67 -7.22 -5.31 -1.48
C GLN A 67 -6.50 -5.04 -2.80
N THR A 68 -6.64 -3.81 -3.28
CA THR A 68 -6.04 -3.40 -4.54
C THR A 68 -4.64 -3.93 -4.80
N ARG A 69 -3.69 -3.67 -3.91
CA ARG A 69 -2.32 -4.13 -4.12
C ARG A 69 -2.20 -5.66 -4.24
N ALA A 70 -3.06 -6.40 -3.54
CA ALA A 70 -3.02 -7.86 -3.62
C ALA A 70 -3.35 -8.32 -5.04
N ILE A 71 -4.41 -7.73 -5.59
CA ILE A 71 -4.88 -8.01 -6.93
C ILE A 71 -3.82 -7.67 -7.97
N LEU A 72 -3.26 -6.47 -7.86
CA LEU A 72 -2.23 -6.04 -8.80
C LEU A 72 -1.00 -6.91 -8.75
N ASN A 73 -0.55 -7.26 -7.55
CA ASN A 73 0.65 -8.09 -7.40
C ASN A 73 0.44 -9.44 -8.10
N TYR A 74 -0.78 -9.96 -8.02
CA TYR A 74 -1.14 -11.26 -8.60
C TYR A 74 -1.12 -11.22 -10.13
N ILE A 75 -1.78 -10.22 -10.70
CA ILE A 75 -1.85 -10.05 -12.14
C ILE A 75 -0.46 -9.82 -12.72
N ALA A 76 0.33 -8.97 -12.06
CA ALA A 76 1.68 -8.70 -12.52
C ALA A 76 2.56 -9.95 -12.51
N GLY A 77 2.48 -10.74 -11.45
CA GLY A 77 3.30 -11.94 -11.38
C GLY A 77 2.85 -13.04 -12.32
N LYS A 78 1.53 -13.17 -12.47
CA LYS A 78 0.97 -14.20 -13.33
C LYS A 78 1.32 -14.00 -14.80
N TYR A 79 1.31 -12.75 -15.25
CA TYR A 79 1.61 -12.45 -16.64
C TYR A 79 3.03 -11.98 -16.91
N ASN A 80 3.96 -12.41 -16.06
CA ASN A 80 5.37 -12.08 -16.22
C ASN A 80 5.68 -10.59 -16.39
N LEU A 81 5.08 -9.75 -15.56
CA LEU A 81 5.33 -8.31 -15.63
C LEU A 81 5.88 -7.87 -14.28
N TYR A 82 6.41 -8.83 -13.53
CA TYR A 82 6.94 -8.55 -12.20
C TYR A 82 8.44 -8.81 -12.07
N GLY A 83 9.18 -8.66 -13.16
CA GLY A 83 10.62 -8.89 -13.08
C GLY A 83 11.02 -10.35 -13.11
N LYS A 84 12.33 -10.60 -13.13
CA LYS A 84 12.83 -11.97 -13.18
C LYS A 84 13.24 -12.54 -11.81
N ASP A 85 13.73 -11.69 -10.92
CA ASP A 85 14.17 -12.15 -9.60
C ASP A 85 13.73 -11.20 -8.46
N LEU A 86 14.01 -11.59 -7.21
CA LEU A 86 13.63 -10.78 -6.07
C LEU A 86 14.15 -9.35 -6.13
N LYS A 87 15.37 -9.19 -6.62
CA LYS A 87 15.98 -7.88 -6.73
C LYS A 87 15.21 -6.96 -7.67
N GLU A 88 14.83 -7.47 -8.84
CA GLU A 88 14.09 -6.66 -9.79
C GLU A 88 12.70 -6.36 -9.26
N ARG A 89 12.13 -7.32 -8.56
CA ARG A 89 10.82 -7.14 -7.98
C ARG A 89 10.91 -6.01 -6.96
N ALA A 90 12.00 -6.01 -6.18
CA ALA A 90 12.17 -4.98 -5.19
C ALA A 90 12.17 -3.63 -5.88
N LEU A 91 12.83 -3.54 -7.03
CA LEU A 91 12.91 -2.28 -7.78
C LEU A 91 11.52 -1.87 -8.29
N ILE A 92 10.79 -2.85 -8.83
CA ILE A 92 9.46 -2.59 -9.33
C ILE A 92 8.53 -2.09 -8.20
N ASP A 93 8.59 -2.74 -7.04
CA ASP A 93 7.74 -2.34 -5.91
C ASP A 93 8.08 -0.94 -5.41
N MET A 94 9.37 -0.59 -5.41
CA MET A 94 9.79 0.73 -4.96
C MET A 94 9.27 1.80 -5.92
N TYR A 95 9.39 1.55 -7.22
CA TYR A 95 8.93 2.50 -8.23
C TYR A 95 7.41 2.64 -8.21
N VAL A 96 6.71 1.52 -8.13
CA VAL A 96 5.25 1.49 -8.09
C VAL A 96 4.77 2.19 -6.81
N GLY A 97 5.56 2.12 -5.74
CA GLY A 97 5.17 2.77 -4.52
C GLY A 97 5.08 4.28 -4.71
N GLY A 98 5.99 4.82 -5.51
CA GLY A 98 6.01 6.25 -5.77
C GLY A 98 4.82 6.75 -6.56
N THR A 99 4.52 6.07 -7.67
CA THR A 99 3.40 6.45 -8.51
C THR A 99 2.08 6.10 -7.83
N ASP A 100 2.11 5.11 -6.94
CA ASP A 100 0.89 4.76 -6.22
C ASP A 100 0.59 5.91 -5.28
N ASP A 101 1.63 6.51 -4.69
CA ASP A 101 1.43 7.65 -3.79
C ASP A 101 0.99 8.88 -4.58
N LEU A 102 1.62 9.10 -5.72
CA LEU A 102 1.28 10.24 -6.55
C LEU A 102 -0.19 10.18 -6.99
N MET A 103 -0.62 9.05 -7.55
CA MET A 103 -2.01 8.89 -7.98
C MET A 103 -2.96 8.88 -6.79
N GLY A 104 -2.47 8.44 -5.64
CA GLY A 104 -3.29 8.41 -4.46
C GLY A 104 -3.77 9.81 -4.09
N PHE A 105 -3.00 10.84 -4.44
CA PHE A 105 -3.38 12.23 -4.14
C PHE A 105 -4.55 12.72 -4.99
N LEU A 106 -4.81 12.05 -6.10
CA LEU A 106 -5.91 12.43 -6.99
C LEU A 106 -7.14 11.57 -6.77
N LEU A 107 -7.06 10.63 -5.85
CA LEU A 107 -8.19 9.74 -5.58
C LEU A 107 -9.42 10.45 -5.01
N SER A 108 -9.18 11.44 -4.16
CA SER A 108 -10.27 12.17 -3.51
C SER A 108 -10.70 13.42 -4.26
N PHE A 109 -9.85 13.86 -5.18
CA PHE A 109 -10.14 15.06 -5.96
C PHE A 109 -11.63 15.21 -6.33
N PRO A 110 -12.24 14.17 -6.91
CA PRO A 110 -13.66 14.24 -7.30
C PRO A 110 -14.60 14.63 -6.16
N PHE A 111 -14.26 14.23 -4.94
CA PHE A 111 -15.11 14.53 -3.80
C PHE A 111 -14.77 15.87 -3.14
N LEU A 112 -13.77 16.57 -3.67
CA LEU A 112 -13.35 17.85 -3.11
C LEU A 112 -14.23 19.00 -3.62
N SER A 113 -14.11 20.16 -2.99
CA SER A 113 -14.89 21.33 -3.39
C SER A 113 -14.12 22.13 -4.42
N ALA A 114 -14.80 23.04 -5.11
CA ALA A 114 -14.16 23.86 -6.11
C ALA A 114 -13.00 24.61 -5.48
N GLU A 115 -13.12 24.90 -4.18
CA GLU A 115 -12.08 25.61 -3.45
C GLU A 115 -10.85 24.73 -3.29
N ASP A 116 -11.06 23.59 -2.63
CA ASP A 116 -9.98 22.65 -2.37
C ASP A 116 -9.41 21.98 -3.63
N LYS A 117 -10.22 21.82 -4.67
CA LYS A 117 -9.74 21.21 -5.90
C LYS A 117 -8.61 22.03 -6.51
N VAL A 118 -8.75 23.34 -6.47
CA VAL A 118 -7.72 24.23 -7.01
C VAL A 118 -6.47 24.08 -6.16
N LYS A 119 -6.68 23.78 -4.89
CA LYS A 119 -5.58 23.60 -3.94
C LYS A 119 -4.90 22.25 -4.18
N GLN A 120 -5.69 21.21 -4.28
CA GLN A 120 -5.20 19.85 -4.50
C GLN A 120 -4.47 19.74 -5.85
N CYS A 121 -5.03 20.39 -6.86
CA CYS A 121 -4.46 20.38 -8.20
C CYS A 121 -3.05 20.96 -8.20
N ALA A 122 -2.84 22.02 -7.41
CA ALA A 122 -1.53 22.66 -7.32
C ALA A 122 -0.56 21.79 -6.53
N PHE A 123 -1.11 21.07 -5.54
CA PHE A 123 -0.30 20.19 -4.69
C PHE A 123 0.24 19.01 -5.49
N VAL A 124 -0.64 18.39 -6.29
CA VAL A 124 -0.25 17.25 -7.10
C VAL A 124 0.82 17.63 -8.13
N VAL A 125 0.54 18.66 -8.94
CA VAL A 125 1.49 19.10 -9.96
C VAL A 125 2.84 19.45 -9.32
N GLU A 126 2.78 20.02 -8.13
CA GLU A 126 3.98 20.40 -7.39
C GLU A 126 4.81 19.16 -7.06
N LYS A 127 4.16 18.17 -6.45
CA LYS A 127 4.82 16.92 -6.07
C LYS A 127 5.36 16.17 -7.30
N ALA A 128 4.57 16.18 -8.38
CA ALA A 128 4.97 15.50 -9.60
C ALA A 128 6.26 16.06 -10.19
N THR A 129 6.27 17.36 -10.39
CA THR A 129 7.42 18.02 -11.01
C THR A 129 8.64 18.20 -10.14
N SER A 130 8.46 18.23 -8.82
CA SER A 130 9.62 18.42 -7.96
C SER A 130 10.08 17.17 -7.24
N ARG A 131 9.20 16.18 -7.10
CA ARG A 131 9.61 14.98 -6.39
C ARG A 131 9.62 13.69 -7.20
N TYR A 132 8.51 13.38 -7.87
CA TYR A 132 8.42 12.14 -8.62
C TYR A 132 9.04 12.09 -10.03
N PHE A 133 8.61 12.95 -10.95
CA PHE A 133 9.18 12.93 -12.30
C PHE A 133 10.71 13.02 -12.28
N PRO A 134 11.30 13.87 -11.43
CA PRO A 134 12.76 13.95 -11.42
C PRO A 134 13.37 12.61 -11.04
N ALA A 135 12.71 11.90 -10.13
CA ALA A 135 13.22 10.60 -9.69
C ALA A 135 13.25 9.60 -10.84
N TYR A 136 12.14 9.47 -11.55
CA TYR A 136 12.06 8.53 -12.66
C TYR A 136 12.94 8.95 -13.83
N GLU A 137 13.01 10.26 -14.09
CA GLU A 137 13.84 10.78 -15.17
C GLU A 137 15.27 10.35 -14.90
N LYS A 138 15.70 10.49 -13.65
CA LYS A 138 17.04 10.12 -13.21
C LYS A 138 17.36 8.63 -13.40
N VAL A 139 16.36 7.77 -13.18
CA VAL A 139 16.57 6.33 -13.32
C VAL A 139 16.94 5.99 -14.76
N LEU A 140 16.19 6.55 -15.70
CA LEU A 140 16.43 6.30 -17.12
C LEU A 140 17.80 6.82 -17.57
N LYS A 141 18.14 8.04 -17.15
CA LYS A 141 19.41 8.65 -17.53
C LYS A 141 20.62 7.95 -16.92
N ASP A 142 20.62 7.79 -15.60
CA ASP A 142 21.72 7.15 -14.88
C ASP A 142 21.95 5.70 -15.29
N HIS A 143 20.89 4.99 -15.66
CA HIS A 143 21.06 3.61 -16.06
C HIS A 143 21.10 3.46 -17.56
N GLY A 144 20.78 4.54 -18.27
CA GLY A 144 20.78 4.48 -19.73
C GLY A 144 19.86 3.37 -20.21
N GLN A 145 18.64 3.32 -19.67
CA GLN A 145 17.67 2.29 -20.07
C GLN A 145 16.43 2.93 -20.69
N ASP A 146 15.65 2.12 -21.40
CA ASP A 146 14.43 2.59 -22.04
C ASP A 146 13.23 2.13 -21.24
N PHE A 147 13.49 1.30 -20.23
CA PHE A 147 12.47 0.78 -19.35
C PHE A 147 13.01 0.95 -17.94
N LEU A 148 12.12 1.07 -16.97
CA LEU A 148 12.52 1.28 -15.59
C LEU A 148 13.30 0.13 -14.96
N VAL A 149 12.93 -1.10 -15.28
CA VAL A 149 13.61 -2.26 -14.70
C VAL A 149 13.93 -3.36 -15.70
N GLY A 150 15.15 -3.90 -15.60
CA GLY A 150 15.55 -4.98 -16.49
C GLY A 150 15.53 -4.60 -17.96
N ASN A 151 15.44 -3.31 -18.23
CA ASN A 151 15.40 -2.83 -19.60
C ASN A 151 14.41 -3.64 -20.43
N ARG A 152 13.28 -3.97 -19.81
CA ARG A 152 12.20 -4.72 -20.45
C ARG A 152 10.89 -4.34 -19.75
N LEU A 153 9.82 -4.23 -20.53
CA LEU A 153 8.51 -3.86 -20.00
C LEU A 153 8.15 -4.59 -18.71
N SER A 154 7.67 -3.83 -17.74
CA SER A 154 7.24 -4.39 -16.45
C SER A 154 6.12 -3.51 -15.91
N TRP A 155 5.43 -4.02 -14.89
CA TRP A 155 4.35 -3.31 -14.27
C TRP A 155 4.72 -1.86 -13.89
N ALA A 156 5.97 -1.65 -13.48
CA ALA A 156 6.43 -0.31 -13.12
C ALA A 156 6.27 0.69 -14.27
N ASP A 157 6.53 0.23 -15.49
CA ASP A 157 6.40 1.10 -16.67
C ASP A 157 4.95 1.49 -16.93
N ILE A 158 4.06 0.51 -16.78
CA ILE A 158 2.64 0.69 -16.99
C ILE A 158 2.04 1.61 -15.93
N HIS A 159 2.51 1.48 -14.69
CA HIS A 159 2.01 2.29 -13.60
C HIS A 159 2.51 3.74 -13.74
N LEU A 160 3.72 3.92 -14.24
CA LEU A 160 4.25 5.27 -14.43
C LEU A 160 3.53 5.96 -15.59
N LEU A 161 3.24 5.24 -16.67
CA LEU A 161 2.52 5.86 -17.80
C LEU A 161 1.15 6.37 -17.38
N GLU A 162 0.44 5.58 -16.57
CA GLU A 162 -0.89 5.96 -16.11
C GLU A 162 -0.79 7.24 -15.27
N ALA A 163 0.17 7.27 -14.36
CA ALA A 163 0.37 8.43 -13.50
C ALA A 163 0.69 9.68 -14.32
N ILE A 164 1.55 9.54 -15.32
CA ILE A 164 1.92 10.67 -16.17
C ILE A 164 0.68 11.24 -16.86
N LEU A 165 -0.14 10.37 -17.43
CA LEU A 165 -1.33 10.83 -18.13
C LEU A 165 -2.31 11.50 -17.18
N MET A 166 -2.37 11.06 -15.93
CA MET A 166 -3.27 11.67 -14.96
C MET A 166 -2.80 13.06 -14.59
N VAL A 167 -1.49 13.26 -14.55
CA VAL A 167 -0.93 14.57 -14.22
C VAL A 167 -1.12 15.50 -15.43
N GLU A 168 -0.94 14.96 -16.63
CA GLU A 168 -1.13 15.77 -17.83
C GLU A 168 -2.58 16.26 -17.98
N GLU A 169 -3.53 15.49 -17.45
CA GLU A 169 -4.93 15.89 -17.51
C GLU A 169 -5.15 17.16 -16.67
N LYS A 170 -4.31 17.34 -15.65
CA LYS A 170 -4.38 18.50 -14.76
C LYS A 170 -3.50 19.62 -15.27
N LYS A 171 -2.41 19.28 -15.96
CA LYS A 171 -1.50 20.27 -16.50
C LYS A 171 -0.86 19.67 -17.75
N SER A 172 -1.41 20.06 -18.90
CA SER A 172 -0.95 19.57 -20.19
C SER A 172 0.55 19.66 -20.45
N ASP A 173 1.25 20.58 -19.79
CA ASP A 173 2.68 20.72 -20.03
C ASP A 173 3.52 20.28 -18.84
N ALA A 174 3.00 19.36 -18.04
CA ALA A 174 3.70 18.88 -16.86
C ALA A 174 5.04 18.21 -17.18
N LEU A 175 5.10 17.44 -18.26
CA LEU A 175 6.35 16.77 -18.65
C LEU A 175 7.38 17.72 -19.22
N SER A 176 7.05 19.01 -19.26
CA SER A 176 7.98 20.00 -19.79
C SER A 176 9.24 20.02 -18.91
N GLY A 177 10.38 19.67 -19.48
CA GLY A 177 11.61 19.65 -18.72
C GLY A 177 12.10 18.24 -18.43
N PHE A 178 11.35 17.25 -18.89
CA PHE A 178 11.72 15.85 -18.69
C PHE A 178 11.73 15.16 -20.05
N PRO A 179 12.76 15.43 -20.88
CA PRO A 179 12.85 14.82 -22.20
C PRO A 179 12.79 13.29 -22.23
N LEU A 180 13.47 12.64 -21.29
CA LEU A 180 13.46 11.20 -21.25
C LEU A 180 12.07 10.64 -20.91
N LEU A 181 11.31 11.31 -20.04
CA LEU A 181 9.98 10.84 -19.69
C LEU A 181 9.04 11.03 -20.89
N GLN A 182 9.28 12.06 -21.70
CA GLN A 182 8.45 12.30 -22.88
C GLN A 182 8.72 11.16 -23.88
N ALA A 183 9.97 10.74 -24.01
CA ALA A 183 10.28 9.65 -24.93
C ALA A 183 9.71 8.36 -24.33
N PHE A 184 9.79 8.25 -23.01
CA PHE A 184 9.28 7.08 -22.30
C PHE A 184 7.77 6.97 -22.58
N LYS A 185 7.06 8.09 -22.45
CA LYS A 185 5.64 8.14 -22.71
C LYS A 185 5.25 7.60 -24.08
N LYS A 186 6.01 7.97 -25.11
CA LYS A 186 5.73 7.51 -26.47
C LYS A 186 6.08 6.04 -26.63
N ARG A 187 7.17 5.61 -26.00
CA ARG A 187 7.58 4.22 -26.10
C ARG A 187 6.56 3.25 -25.49
N ILE A 188 6.09 3.53 -24.28
CA ILE A 188 5.11 2.66 -23.63
C ILE A 188 3.73 2.69 -24.31
N SER A 189 3.31 3.88 -24.76
CA SER A 189 2.03 4.06 -25.43
C SER A 189 1.97 3.35 -26.78
N SER A 190 3.13 3.08 -27.36
CA SER A 190 3.16 2.43 -28.67
C SER A 190 2.99 0.92 -28.58
N ILE A 191 3.12 0.38 -27.38
CA ILE A 191 2.94 -1.04 -27.18
C ILE A 191 1.51 -1.34 -27.57
N PRO A 192 1.31 -2.28 -28.51
CA PRO A 192 0.00 -2.71 -29.04
C PRO A 192 -1.12 -2.79 -28.02
N THR A 193 -0.93 -3.61 -26.99
CA THR A 193 -1.96 -3.77 -25.97
C THR A 193 -2.36 -2.44 -25.33
N ILE A 194 -1.37 -1.63 -25.02
CA ILE A 194 -1.63 -0.34 -24.39
C ILE A 194 -2.22 0.66 -25.38
N LYS A 195 -1.74 0.59 -26.62
CA LYS A 195 -2.23 1.47 -27.68
C LYS A 195 -3.73 1.25 -27.88
N LYS A 196 -4.15 -0.01 -27.78
CA LYS A 196 -5.54 -0.36 -27.95
C LYS A 196 -6.36 0.14 -26.77
N PHE A 197 -5.75 0.18 -25.59
CA PHE A 197 -6.44 0.62 -24.38
C PHE A 197 -6.62 2.14 -24.39
N LEU A 198 -5.71 2.84 -25.07
CA LEU A 198 -5.77 4.28 -25.15
C LEU A 198 -6.67 4.74 -26.31
N ALA A 199 -6.94 3.83 -27.24
CA ALA A 199 -7.79 4.17 -28.37
C ALA A 199 -9.24 4.27 -27.94
N PRO A 200 -10.06 5.00 -28.70
CA PRO A 200 -11.48 5.13 -28.34
C PRO A 200 -12.19 3.78 -28.33
N GLY A 201 -13.22 3.67 -27.49
CA GLY A 201 -13.99 2.44 -27.40
C GLY A 201 -13.48 1.41 -26.41
N SER A 202 -12.35 1.69 -25.77
CA SER A 202 -11.77 0.76 -24.80
C SER A 202 -12.51 0.81 -23.46
N LYS A 203 -12.03 0.03 -22.50
CA LYS A 203 -12.64 -0.01 -21.18
C LYS A 203 -12.05 1.06 -20.26
N ARG A 204 -11.13 1.87 -20.78
CA ARG A 204 -10.52 2.93 -19.98
C ARG A 204 -11.59 3.91 -19.51
N LYS A 205 -11.53 4.30 -18.24
CA LYS A 205 -12.51 5.22 -17.68
C LYS A 205 -12.06 6.67 -17.71
N PRO A 206 -13.03 7.61 -17.83
CA PRO A 206 -12.71 9.03 -17.87
C PRO A 206 -12.55 9.62 -16.47
N ILE A 207 -12.15 10.88 -16.40
CA ILE A 207 -12.00 11.56 -15.13
C ILE A 207 -13.35 11.45 -14.42
N SER A 208 -13.33 11.19 -13.12
CA SER A 208 -14.56 11.05 -12.36
C SER A 208 -15.35 12.35 -12.25
N ASP A 209 -16.66 12.26 -12.42
CA ASP A 209 -17.54 13.42 -12.36
C ASP A 209 -18.53 13.31 -11.21
N ASP A 210 -19.37 14.33 -11.07
CA ASP A 210 -20.37 14.39 -10.02
C ASP A 210 -21.25 13.15 -9.93
N LYS A 211 -21.58 12.57 -11.08
CA LYS A 211 -22.42 11.38 -11.13
C LYS A 211 -21.71 10.21 -10.44
N TYR A 212 -20.38 10.20 -10.54
CA TYR A 212 -19.59 9.14 -9.91
C TYR A 212 -19.65 9.29 -8.40
N VAL A 213 -19.39 10.51 -7.94
CA VAL A 213 -19.41 10.84 -6.52
C VAL A 213 -20.75 10.52 -5.86
N GLU A 214 -21.83 10.97 -6.49
CA GLU A 214 -23.19 10.75 -5.98
C GLU A 214 -23.44 9.26 -5.79
N THR A 215 -23.06 8.46 -6.78
CA THR A 215 -23.24 7.00 -6.74
C THR A 215 -22.46 6.39 -5.58
N VAL A 216 -21.19 6.78 -5.46
CA VAL A 216 -20.34 6.25 -4.39
C VAL A 216 -20.97 6.52 -3.02
N ARG A 217 -21.35 7.76 -2.79
CA ARG A 217 -21.96 8.15 -1.52
C ARG A 217 -23.30 7.45 -1.29
N ARG A 218 -23.99 7.15 -2.38
CA ARG A 218 -25.29 6.49 -2.32
C ARG A 218 -25.16 5.00 -1.99
N VAL A 219 -24.13 4.37 -2.54
CA VAL A 219 -23.93 2.94 -2.30
C VAL A 219 -23.22 2.62 -1.00
N LEU A 220 -22.14 3.33 -0.71
CA LEU A 220 -21.36 3.09 0.50
C LEU A 220 -21.83 3.91 1.68
N ARG A 221 -22.56 4.98 1.39
CA ARG A 221 -23.09 5.86 2.43
C ARG A 221 -21.99 6.52 3.24
N MET A 222 -21.05 7.17 2.56
CA MET A 222 -19.96 7.87 3.24
C MET A 222 -19.19 8.75 2.27
N TYR A 223 -18.03 9.25 2.72
CA TYR A 223 -17.20 10.14 1.92
C TYR A 223 -17.91 11.46 1.64
N TYR A 224 -18.82 11.84 2.52
CA TYR A 224 -19.57 13.08 2.38
C TYR A 224 -18.69 14.29 2.68
N ASP A 225 -17.76 14.13 3.60
CA ASP A 225 -16.87 15.23 3.97
C ASP A 225 -15.41 14.82 3.76
N VAL A 226 -14.95 14.95 2.52
CA VAL A 226 -13.57 14.59 2.18
C VAL A 226 -12.72 15.85 2.06
N LYS A 227 -11.87 16.08 3.06
CA LYS A 227 -11.01 17.26 3.07
C LYS A 227 -9.71 16.95 2.33
N PRO A 228 -9.10 17.98 1.72
CA PRO A 228 -7.85 17.85 0.97
C PRO A 228 -6.64 17.55 1.87
N LYS B 4 23.67 -6.89 9.18
CA LYS B 4 23.91 -6.27 7.86
C LYS B 4 22.92 -5.18 7.47
N PRO B 5 21.61 -5.51 7.43
CA PRO B 5 20.61 -4.49 7.05
C PRO B 5 20.57 -3.30 8.00
N VAL B 6 20.54 -2.10 7.43
CA VAL B 6 20.51 -0.88 8.23
C VAL B 6 19.19 -0.17 8.00
N LEU B 7 18.41 0.01 9.06
CA LEU B 7 17.11 0.66 8.95
C LEU B 7 17.22 2.14 9.32
N TYR B 8 16.83 3.01 8.40
CA TYR B 8 16.86 4.46 8.65
C TYR B 8 15.48 4.96 9.00
N TYR B 9 15.33 5.47 10.22
CA TYR B 9 14.05 6.00 10.65
C TYR B 9 14.22 6.75 11.96
N PHE B 10 13.10 7.10 12.59
CA PHE B 10 13.13 7.79 13.86
C PHE B 10 13.17 6.73 14.93
N ASN B 11 13.45 7.15 16.16
CA ASN B 11 13.52 6.20 17.27
C ASN B 11 12.11 5.96 17.79
N GLY B 12 11.33 5.21 17.02
CA GLY B 12 9.97 4.93 17.41
C GLY B 12 9.38 3.94 16.42
N ARG B 13 8.11 3.59 16.62
CA ARG B 13 7.43 2.65 15.77
C ARG B 13 7.19 3.16 14.35
N GLY B 14 6.18 4.01 14.19
CA GLY B 14 5.88 4.55 12.88
C GLY B 14 5.64 3.48 11.83
N LYS B 15 6.12 3.74 10.61
CA LYS B 15 5.95 2.77 9.51
C LYS B 15 7.10 1.77 9.46
N MET B 16 8.10 1.96 10.31
CA MET B 16 9.27 1.06 10.34
C MET B 16 9.11 -0.17 11.24
N GLU B 17 8.24 -0.06 12.24
CA GLU B 17 8.06 -1.14 13.19
C GLU B 17 7.75 -2.50 12.55
N SER B 18 6.88 -2.55 11.54
CA SER B 18 6.55 -3.82 10.91
C SER B 18 7.75 -4.43 10.21
N ILE B 19 8.69 -3.59 9.79
CA ILE B 19 9.88 -4.09 9.14
C ILE B 19 10.76 -4.74 10.22
N ARG B 20 10.81 -4.11 11.39
CA ARG B 20 11.59 -4.66 12.50
C ARG B 20 11.01 -6.03 12.89
N TRP B 21 9.68 -6.12 12.90
CA TRP B 21 8.99 -7.35 13.24
C TRP B 21 9.35 -8.47 12.27
N LEU B 22 9.25 -8.19 10.98
CA LEU B 22 9.54 -9.18 9.97
C LEU B 22 10.98 -9.65 9.98
N LEU B 23 11.92 -8.73 10.17
CA LEU B 23 13.33 -9.11 10.23
C LEU B 23 13.61 -9.98 11.45
N ALA B 24 13.07 -9.59 12.60
CA ALA B 24 13.28 -10.36 13.82
C ALA B 24 12.70 -11.76 13.67
N ALA B 25 11.49 -11.86 13.12
CA ALA B 25 10.83 -13.14 12.91
C ALA B 25 11.68 -14.07 12.06
N ALA B 26 12.44 -13.50 11.13
CA ALA B 26 13.29 -14.29 10.25
C ALA B 26 14.64 -14.54 10.91
N GLY B 27 14.79 -14.09 12.15
CA GLY B 27 16.04 -14.28 12.87
C GLY B 27 17.20 -13.50 12.29
N VAL B 28 16.91 -12.40 11.61
CA VAL B 28 17.94 -11.57 11.00
C VAL B 28 18.30 -10.39 11.89
N GLU B 29 19.60 -10.21 12.14
CA GLU B 29 20.08 -9.12 12.98
C GLU B 29 20.26 -7.86 12.14
N PHE B 30 19.84 -6.72 12.67
CA PHE B 30 19.95 -5.48 11.93
C PHE B 30 20.40 -4.32 12.81
N GLU B 31 20.83 -3.23 12.17
CA GLU B 31 21.25 -2.05 12.90
C GLU B 31 20.29 -0.92 12.58
N GLU B 32 20.25 0.10 13.42
CA GLU B 32 19.37 1.23 13.18
C GLU B 32 20.08 2.57 13.20
N VAL B 33 19.62 3.48 12.36
CA VAL B 33 20.17 4.82 12.29
C VAL B 33 19.00 5.76 12.55
N PHE B 34 18.99 6.38 13.71
CA PHE B 34 17.89 7.27 14.06
C PHE B 34 18.10 8.71 13.61
N LEU B 35 17.10 9.27 12.94
CA LEU B 35 17.18 10.66 12.51
C LEU B 35 16.64 11.50 13.65
N GLU B 36 17.46 12.43 14.15
CA GLU B 36 17.05 13.28 15.26
C GLU B 36 17.17 14.76 14.99
N THR B 37 17.81 15.12 13.87
CA THR B 37 17.98 16.53 13.52
C THR B 37 17.69 16.85 12.06
N ARG B 38 17.22 18.07 11.80
CA ARG B 38 16.91 18.53 10.45
C ARG B 38 18.18 18.50 9.61
N GLU B 39 19.32 18.62 10.30
CA GLU B 39 20.63 18.62 9.66
C GLU B 39 20.93 17.32 8.93
N GLN B 40 20.93 16.21 9.67
CA GLN B 40 21.22 14.91 9.09
C GLN B 40 20.22 14.53 8.00
N TYR B 41 18.97 14.99 8.14
CA TYR B 41 17.96 14.68 7.13
C TYR B 41 18.33 15.36 5.83
N GLU B 42 18.55 16.68 5.89
CA GLU B 42 18.91 17.45 4.70
C GLU B 42 20.18 16.90 4.10
N LYS B 43 21.08 16.43 4.97
CA LYS B 43 22.33 15.84 4.49
C LYS B 43 22.01 14.54 3.77
N LEU B 44 20.94 13.87 4.22
CA LEU B 44 20.54 12.61 3.61
C LEU B 44 19.94 12.89 2.24
N LEU B 45 19.17 13.97 2.15
CA LEU B 45 18.57 14.38 0.89
C LEU B 45 19.67 14.82 -0.06
N GLN B 46 20.73 15.39 0.51
CA GLN B 46 21.86 15.86 -0.27
C GLN B 46 22.49 14.68 -1.03
N SER B 47 22.80 13.62 -0.30
CA SER B 47 23.41 12.44 -0.89
C SER B 47 22.49 11.84 -1.95
N GLY B 48 21.20 12.16 -1.87
CA GLY B 48 20.25 11.64 -2.84
C GLY B 48 20.00 10.14 -2.73
N ILE B 49 20.18 9.56 -1.54
CA ILE B 49 19.96 8.14 -1.34
C ILE B 49 18.47 7.83 -1.08
N LEU B 50 17.66 8.86 -0.87
CA LEU B 50 16.22 8.69 -0.64
C LEU B 50 15.53 9.03 -1.95
N MET B 51 15.29 8.01 -2.76
CA MET B 51 14.67 8.19 -4.06
C MET B 51 13.52 9.18 -4.09
N PHE B 52 12.63 9.13 -3.10
CA PHE B 52 11.52 10.06 -3.07
C PHE B 52 11.62 11.04 -1.91
N GLN B 53 12.83 11.19 -1.40
CA GLN B 53 13.11 12.10 -0.27
C GLN B 53 12.37 11.68 0.99
N GLN B 54 11.99 10.40 1.07
CA GLN B 54 11.25 9.87 2.21
C GLN B 54 11.87 8.69 2.94
N VAL B 55 11.49 8.53 4.21
CA VAL B 55 11.91 7.39 5.02
C VAL B 55 10.56 6.73 5.38
N PRO B 56 10.55 5.43 5.72
CA PRO B 56 11.60 4.42 5.80
C PRO B 56 12.54 4.24 4.62
N MET B 57 13.77 3.87 4.94
CA MET B 57 14.78 3.57 3.96
C MET B 57 15.56 2.42 4.58
N VAL B 58 15.84 1.40 3.80
CA VAL B 58 16.59 0.28 4.32
C VAL B 58 17.71 -0.09 3.37
N GLU B 59 18.93 -0.18 3.89
CA GLU B 59 20.07 -0.58 3.06
C GLU B 59 20.17 -2.08 3.27
N ILE B 60 19.89 -2.85 2.22
CA ILE B 60 19.95 -4.29 2.31
C ILE B 60 20.41 -4.84 0.96
N ASP B 61 21.30 -5.81 1.02
CA ASP B 61 21.87 -6.45 -0.17
C ASP B 61 22.28 -5.48 -1.26
N GLY B 62 23.00 -4.44 -0.88
CA GLY B 62 23.46 -3.46 -1.85
C GLY B 62 22.40 -2.57 -2.45
N MET B 63 21.25 -2.47 -1.81
CA MET B 63 20.17 -1.61 -2.32
C MET B 63 19.72 -0.63 -1.25
N LYS B 64 19.39 0.58 -1.67
CA LYS B 64 18.88 1.58 -0.74
C LYS B 64 17.38 1.58 -1.04
N LEU B 65 16.64 0.67 -0.42
CA LEU B 65 15.22 0.57 -0.68
C LEU B 65 14.33 1.50 0.11
N VAL B 66 13.41 2.16 -0.59
CA VAL B 66 12.41 3.02 0.05
C VAL B 66 11.05 2.42 -0.32
N GLN B 67 10.00 2.90 0.35
CA GLN B 67 8.63 2.42 0.16
C GLN B 67 8.46 1.19 1.03
N THR B 68 7.82 1.41 2.18
CA THR B 68 7.59 0.38 3.17
C THR B 68 7.15 -0.97 2.60
N ARG B 69 6.13 -0.97 1.75
CA ARG B 69 5.66 -2.24 1.20
C ARG B 69 6.72 -2.93 0.33
N ALA B 70 7.54 -2.16 -0.39
CA ALA B 70 8.58 -2.74 -1.24
C ALA B 70 9.59 -3.47 -0.35
N ILE B 71 9.98 -2.81 0.74
CA ILE B 71 10.93 -3.37 1.70
C ILE B 71 10.39 -4.64 2.37
N LEU B 72 9.13 -4.62 2.80
CA LEU B 72 8.53 -5.77 3.45
C LEU B 72 8.42 -6.96 2.48
N ASN B 73 7.89 -6.69 1.29
CA ASN B 73 7.74 -7.70 0.24
C ASN B 73 9.05 -8.42 -0.02
N TYR B 74 10.15 -7.66 -0.09
CA TYR B 74 11.47 -8.24 -0.37
C TYR B 74 11.97 -9.12 0.77
N ILE B 75 11.81 -8.63 2.00
CA ILE B 75 12.25 -9.39 3.16
C ILE B 75 11.43 -10.68 3.25
N ALA B 76 10.12 -10.57 3.01
CA ALA B 76 9.26 -11.74 3.06
C ALA B 76 9.67 -12.79 2.02
N GLY B 77 9.95 -12.33 0.81
CA GLY B 77 10.34 -13.25 -0.25
C GLY B 77 11.71 -13.87 -0.01
N LYS B 78 12.66 -13.04 0.38
CA LYS B 78 14.02 -13.52 0.62
C LYS B 78 14.13 -14.60 1.69
N TYR B 79 13.34 -14.49 2.76
CA TYR B 79 13.40 -15.47 3.85
C TYR B 79 12.23 -16.44 3.87
N ASN B 80 11.74 -16.75 2.68
CA ASN B 80 10.64 -17.69 2.48
C ASN B 80 9.49 -17.56 3.46
N LEU B 81 8.88 -16.39 3.49
CA LEU B 81 7.74 -16.14 4.36
C LEU B 81 6.65 -15.59 3.46
N TYR B 82 6.83 -15.78 2.14
CA TYR B 82 5.87 -15.27 1.17
C TYR B 82 5.10 -16.36 0.43
N GLY B 83 5.01 -17.56 1.00
CA GLY B 83 4.27 -18.62 0.33
C GLY B 83 5.12 -19.40 -0.67
N LYS B 84 4.50 -20.40 -1.30
CA LYS B 84 5.22 -21.23 -2.26
C LYS B 84 4.86 -20.93 -3.72
N ASP B 85 3.67 -20.38 -3.93
CA ASP B 85 3.23 -20.05 -5.28
C ASP B 85 2.51 -18.71 -5.33
N LEU B 86 2.12 -18.28 -6.53
CA LEU B 86 1.43 -17.01 -6.70
C LEU B 86 0.10 -16.96 -5.98
N LYS B 87 -0.58 -18.11 -5.92
CA LYS B 87 -1.87 -18.21 -5.26
C LYS B 87 -1.74 -17.98 -3.76
N GLU B 88 -0.69 -18.51 -3.15
CA GLU B 88 -0.51 -18.33 -1.72
C GLU B 88 -0.11 -16.90 -1.44
N ARG B 89 0.70 -16.34 -2.34
CA ARG B 89 1.17 -14.99 -2.21
C ARG B 89 -0.04 -14.05 -2.29
N ALA B 90 -1.03 -14.41 -3.11
CA ALA B 90 -2.22 -13.58 -3.25
C ALA B 90 -3.03 -13.55 -1.95
N LEU B 91 -3.08 -14.68 -1.26
CA LEU B 91 -3.79 -14.74 0.01
C LEU B 91 -3.04 -13.93 1.05
N ILE B 92 -1.72 -14.10 1.09
CA ILE B 92 -0.86 -13.40 2.03
C ILE B 92 -1.01 -11.88 1.83
N ASP B 93 -0.95 -11.43 0.58
CA ASP B 93 -1.09 -10.02 0.24
C ASP B 93 -2.46 -9.49 0.65
N MET B 94 -3.48 -10.30 0.47
CA MET B 94 -4.84 -9.90 0.84
C MET B 94 -4.97 -9.76 2.35
N TYR B 95 -4.47 -10.74 3.11
CA TYR B 95 -4.53 -10.68 4.57
C TYR B 95 -3.72 -9.50 5.10
N VAL B 96 -2.50 -9.33 4.58
CA VAL B 96 -1.64 -8.24 4.97
C VAL B 96 -2.28 -6.88 4.65
N GLY B 97 -3.07 -6.82 3.58
CA GLY B 97 -3.72 -5.58 3.23
C GLY B 97 -4.70 -5.15 4.32
N GLY B 98 -5.37 -6.13 4.92
CA GLY B 98 -6.32 -5.82 5.98
C GLY B 98 -5.64 -5.26 7.21
N THR B 99 -4.63 -5.98 7.71
CA THR B 99 -3.93 -5.53 8.89
C THR B 99 -3.12 -4.26 8.65
N ASP B 100 -2.71 -4.04 7.40
CA ASP B 100 -1.96 -2.82 7.04
C ASP B 100 -2.93 -1.64 7.20
N ASP B 101 -4.17 -1.80 6.74
CA ASP B 101 -5.16 -0.74 6.90
C ASP B 101 -5.46 -0.50 8.38
N LEU B 102 -5.63 -1.58 9.13
CA LEU B 102 -5.92 -1.46 10.56
C LEU B 102 -4.84 -0.70 11.32
N MET B 103 -3.58 -1.12 11.17
CA MET B 103 -2.49 -0.47 11.86
C MET B 103 -2.29 0.94 11.31
N GLY B 104 -2.66 1.15 10.06
CA GLY B 104 -2.54 2.45 9.44
C GLY B 104 -3.38 3.50 10.15
N PHE B 105 -4.46 3.08 10.78
CA PHE B 105 -5.32 4.01 11.50
C PHE B 105 -4.68 4.50 12.79
N LEU B 106 -3.67 3.78 13.25
CA LEU B 106 -2.97 4.14 14.49
C LEU B 106 -1.66 4.86 14.26
N LEU B 107 -1.28 5.03 13.01
CA LEU B 107 -0.02 5.69 12.68
C LEU B 107 -0.01 7.16 13.12
N SER B 108 -1.15 7.83 12.98
CA SER B 108 -1.27 9.24 13.34
C SER B 108 -1.65 9.47 14.80
N PHE B 109 -2.09 8.42 15.49
CA PHE B 109 -2.51 8.54 16.88
C PHE B 109 -1.61 9.44 17.74
N PRO B 110 -0.29 9.19 17.73
CA PRO B 110 0.66 9.99 18.51
C PRO B 110 0.58 11.49 18.25
N PHE B 111 0.27 11.86 17.01
CA PHE B 111 0.19 13.27 16.63
C PHE B 111 -1.19 13.88 16.89
N LEU B 112 -2.15 13.05 17.28
CA LEU B 112 -3.50 13.55 17.54
C LEU B 112 -3.59 14.23 18.91
N SER B 113 -4.55 15.14 19.05
CA SER B 113 -4.74 15.84 20.32
C SER B 113 -5.40 14.90 21.32
N ALA B 114 -5.21 15.17 22.61
CA ALA B 114 -5.79 14.34 23.67
C ALA B 114 -7.28 14.10 23.42
N GLU B 115 -7.91 15.04 22.72
CA GLU B 115 -9.33 14.96 22.39
C GLU B 115 -9.56 14.00 21.24
N ASP B 116 -8.87 14.24 20.12
CA ASP B 116 -9.00 13.40 18.94
C ASP B 116 -8.56 11.97 19.19
N LYS B 117 -7.61 11.79 20.12
CA LYS B 117 -7.12 10.46 20.43
C LYS B 117 -8.24 9.54 20.90
N VAL B 118 -9.19 10.10 21.66
CA VAL B 118 -10.31 9.34 22.19
C VAL B 118 -11.23 8.89 21.06
N LYS B 119 -11.49 9.79 20.11
CA LYS B 119 -12.35 9.47 18.98
C LYS B 119 -11.69 8.44 18.07
N GLN B 120 -10.41 8.67 17.77
CA GLN B 120 -9.65 7.77 16.91
C GLN B 120 -9.54 6.39 17.57
N CYS B 121 -9.33 6.40 18.88
CA CYS B 121 -9.22 5.16 19.63
C CYS B 121 -10.50 4.32 19.50
N ALA B 122 -11.65 4.96 19.63
CA ALA B 122 -12.93 4.26 19.51
C ALA B 122 -13.12 3.73 18.09
N PHE B 123 -12.65 4.50 17.12
CA PHE B 123 -12.75 4.14 15.71
C PHE B 123 -11.98 2.85 15.43
N VAL B 124 -10.72 2.82 15.86
CA VAL B 124 -9.85 1.68 15.67
C VAL B 124 -10.39 0.39 16.29
N VAL B 125 -10.90 0.50 17.52
CA VAL B 125 -11.44 -0.67 18.21
C VAL B 125 -12.67 -1.18 17.47
N GLU B 126 -13.52 -0.24 17.02
CA GLU B 126 -14.73 -0.58 16.29
C GLU B 126 -14.37 -1.36 15.01
N LYS B 127 -13.38 -0.85 14.29
CA LYS B 127 -12.93 -1.49 13.03
C LYS B 127 -12.35 -2.87 13.27
N ALA B 128 -11.59 -3.01 14.35
CA ALA B 128 -10.95 -4.27 14.70
C ALA B 128 -11.95 -5.36 15.05
N THR B 129 -12.91 -5.03 15.89
CA THR B 129 -13.89 -6.00 16.35
C THR B 129 -15.06 -6.24 15.40
N SER B 130 -15.40 -5.26 14.56
CA SER B 130 -16.52 -5.44 13.65
C SER B 130 -16.14 -5.77 12.20
N ARG B 131 -14.89 -5.49 11.82
CA ARG B 131 -14.48 -5.75 10.45
C ARG B 131 -13.31 -6.70 10.26
N TYR B 132 -12.20 -6.42 10.94
CA TYR B 132 -11.01 -7.25 10.76
C TYR B 132 -10.93 -8.55 11.56
N PHE B 133 -11.04 -8.48 12.89
CA PHE B 133 -10.96 -9.69 13.70
C PHE B 133 -11.92 -10.79 13.21
N PRO B 134 -13.17 -10.43 12.91
CA PRO B 134 -14.13 -11.44 12.43
C PRO B 134 -13.63 -12.12 11.16
N ALA B 135 -13.05 -11.32 10.27
CA ALA B 135 -12.54 -11.83 9.00
C ALA B 135 -11.44 -12.89 9.16
N TYR B 136 -10.47 -12.62 10.04
CA TYR B 136 -9.37 -13.57 10.26
C TYR B 136 -9.84 -14.75 11.11
N GLU B 137 -10.80 -14.50 12.01
CA GLU B 137 -11.35 -15.54 12.86
C GLU B 137 -12.03 -16.56 11.94
N LYS B 138 -12.72 -16.07 10.91
CA LYS B 138 -13.41 -16.93 9.95
C LYS B 138 -12.45 -17.75 9.10
N VAL B 139 -11.29 -17.18 8.78
CA VAL B 139 -10.30 -17.88 7.96
C VAL B 139 -9.72 -19.08 8.71
N LEU B 140 -9.36 -18.87 9.97
CA LEU B 140 -8.79 -19.92 10.80
C LEU B 140 -9.79 -21.07 11.00
N LYS B 141 -11.06 -20.71 11.17
CA LYS B 141 -12.10 -21.71 11.38
C LYS B 141 -12.44 -22.45 10.10
N ASP B 142 -12.40 -21.76 8.97
CA ASP B 142 -12.71 -22.37 7.68
C ASP B 142 -11.79 -23.52 7.31
N HIS B 143 -10.54 -23.48 7.76
CA HIS B 143 -9.61 -24.56 7.44
C HIS B 143 -9.09 -25.24 8.69
N GLY B 144 -9.41 -24.66 9.85
CA GLY B 144 -8.98 -25.22 11.11
C GLY B 144 -7.50 -25.55 11.20
N GLN B 145 -6.66 -24.70 10.61
CA GLN B 145 -5.23 -24.92 10.64
C GLN B 145 -4.57 -23.96 11.62
N ASP B 146 -3.32 -24.24 11.99
CA ASP B 146 -2.58 -23.40 12.93
C ASP B 146 -2.10 -22.08 12.36
N PHE B 147 -1.91 -22.03 11.04
CA PHE B 147 -1.44 -20.81 10.38
C PHE B 147 -2.45 -20.29 9.37
N LEU B 148 -2.33 -19.02 9.00
CA LEU B 148 -3.26 -18.40 8.06
C LEU B 148 -3.20 -18.98 6.65
N VAL B 149 -2.02 -19.42 6.22
CA VAL B 149 -1.90 -19.96 4.88
C VAL B 149 -0.74 -20.94 4.69
N GLY B 150 -0.96 -21.95 3.85
CA GLY B 150 0.05 -22.96 3.56
C GLY B 150 0.44 -23.82 4.76
N ASN B 151 -0.41 -23.81 5.78
CA ASN B 151 -0.16 -24.58 6.97
C ASN B 151 1.28 -24.38 7.48
N ARG B 152 1.77 -23.15 7.41
CA ARG B 152 3.11 -22.80 7.88
C ARG B 152 3.23 -21.29 8.12
N LEU B 153 4.19 -20.89 8.95
CA LEU B 153 4.41 -19.48 9.26
C LEU B 153 4.68 -18.64 8.02
N SER B 154 3.98 -17.53 7.90
CA SER B 154 4.19 -16.62 6.78
C SER B 154 4.06 -15.20 7.28
N TRP B 155 4.40 -14.25 6.41
CA TRP B 155 4.33 -12.85 6.75
C TRP B 155 2.92 -12.47 7.25
N ALA B 156 1.88 -13.07 6.68
CA ALA B 156 0.51 -12.76 7.10
C ALA B 156 0.31 -13.05 8.58
N ASP B 157 0.97 -14.08 9.09
CA ASP B 157 0.84 -14.43 10.51
C ASP B 157 1.51 -13.37 11.38
N ILE B 158 2.72 -12.98 10.97
CA ILE B 158 3.49 -12.00 11.72
C ILE B 158 2.75 -10.67 11.78
N HIS B 159 2.28 -10.23 10.63
CA HIS B 159 1.57 -8.96 10.52
C HIS B 159 0.27 -8.96 11.35
N LEU B 160 -0.41 -10.10 11.40
CA LEU B 160 -1.64 -10.19 12.18
C LEU B 160 -1.33 -10.16 13.68
N LEU B 161 -0.24 -10.80 14.09
CA LEU B 161 0.14 -10.80 15.50
C LEU B 161 0.48 -9.37 15.94
N GLU B 162 1.22 -8.63 15.12
CA GLU B 162 1.57 -7.25 15.50
C GLU B 162 0.30 -6.40 15.67
N ALA B 163 -0.63 -6.49 14.71
CA ALA B 163 -1.88 -5.73 14.77
C ALA B 163 -2.70 -6.06 16.03
N ILE B 164 -2.76 -7.33 16.39
CA ILE B 164 -3.51 -7.71 17.59
C ILE B 164 -2.93 -7.04 18.83
N LEU B 165 -1.61 -7.16 19.02
CA LEU B 165 -0.99 -6.54 20.18
C LEU B 165 -1.20 -5.03 20.20
N MET B 166 -1.23 -4.39 19.04
CA MET B 166 -1.44 -2.95 18.99
C MET B 166 -2.88 -2.59 19.40
N VAL B 167 -3.82 -3.45 19.04
CA VAL B 167 -5.21 -3.23 19.40
C VAL B 167 -5.39 -3.49 20.90
N GLU B 168 -4.68 -4.48 21.43
CA GLU B 168 -4.80 -4.77 22.85
C GLU B 168 -4.17 -3.69 23.72
N GLU B 169 -3.25 -2.91 23.15
CA GLU B 169 -2.63 -1.83 23.91
C GLU B 169 -3.67 -0.73 24.14
N LYS B 170 -4.72 -0.75 23.33
CA LYS B 170 -5.80 0.23 23.44
C LYS B 170 -7.01 -0.37 24.16
N LYS B 171 -7.19 -1.68 24.03
CA LYS B 171 -8.28 -2.40 24.66
C LYS B 171 -7.79 -3.80 24.97
N SER B 172 -7.38 -4.01 26.22
CA SER B 172 -6.83 -5.30 26.66
C SER B 172 -7.71 -6.52 26.41
N ASP B 173 -9.01 -6.33 26.25
CA ASP B 173 -9.89 -7.48 26.03
C ASP B 173 -10.50 -7.47 24.62
N ALA B 174 -9.77 -6.88 23.67
CA ALA B 174 -10.25 -6.81 22.30
C ALA B 174 -10.47 -8.19 21.70
N LEU B 175 -9.68 -9.18 22.10
CA LEU B 175 -9.84 -10.52 21.56
C LEU B 175 -10.99 -11.32 22.18
N SER B 176 -11.77 -10.68 23.03
CA SER B 176 -12.91 -11.37 23.66
C SER B 176 -13.97 -11.64 22.61
N GLY B 177 -14.24 -12.92 22.37
CA GLY B 177 -15.23 -13.28 21.38
C GLY B 177 -14.59 -13.87 20.15
N PHE B 178 -13.27 -14.06 20.20
CA PHE B 178 -12.53 -14.64 19.10
C PHE B 178 -11.53 -15.64 19.67
N PRO B 179 -12.01 -16.84 20.02
CA PRO B 179 -11.20 -17.91 20.60
C PRO B 179 -10.08 -18.43 19.70
N LEU B 180 -10.34 -18.50 18.40
CA LEU B 180 -9.32 -18.99 17.48
C LEU B 180 -8.14 -18.02 17.37
N LEU B 181 -8.45 -16.73 17.38
CA LEU B 181 -7.42 -15.69 17.30
C LEU B 181 -6.61 -15.67 18.61
N GLN B 182 -7.31 -15.91 19.72
CA GLN B 182 -6.67 -15.94 21.03
C GLN B 182 -5.67 -17.09 21.07
N ALA B 183 -6.05 -18.22 20.48
CA ALA B 183 -5.15 -19.37 20.43
C ALA B 183 -4.03 -19.02 19.47
N PHE B 184 -4.39 -18.35 18.37
CA PHE B 184 -3.44 -17.93 17.37
C PHE B 184 -2.36 -17.08 18.04
N LYS B 185 -2.80 -16.06 18.76
CA LYS B 185 -1.90 -15.16 19.46
C LYS B 185 -0.87 -15.92 20.29
N LYS B 186 -1.34 -16.86 21.10
CA LYS B 186 -0.45 -17.66 21.93
C LYS B 186 0.55 -18.43 21.08
N ARG B 187 0.03 -19.21 20.13
CA ARG B 187 0.89 -20.01 19.28
C ARG B 187 2.01 -19.23 18.59
N ILE B 188 1.66 -18.19 17.85
CA ILE B 188 2.64 -17.37 17.13
C ILE B 188 3.66 -16.73 18.09
N SER B 189 3.19 -16.27 19.24
CA SER B 189 4.06 -15.65 20.22
C SER B 189 5.13 -16.61 20.74
N SER B 190 4.83 -17.90 20.68
CA SER B 190 5.73 -18.94 21.18
C SER B 190 6.89 -19.25 20.25
N ILE B 191 6.75 -18.92 18.97
CA ILE B 191 7.81 -19.16 18.00
C ILE B 191 9.09 -18.48 18.50
N PRO B 192 10.18 -19.25 18.66
CA PRO B 192 11.48 -18.79 19.14
C PRO B 192 11.92 -17.38 18.72
N THR B 193 11.97 -17.12 17.42
CA THR B 193 12.39 -15.81 16.95
C THR B 193 11.46 -14.68 17.41
N ILE B 194 10.16 -14.96 17.41
CA ILE B 194 9.18 -13.97 17.81
C ILE B 194 9.19 -13.80 19.32
N LYS B 195 9.23 -14.91 20.04
CA LYS B 195 9.25 -14.88 21.49
C LYS B 195 10.42 -14.00 21.94
N LYS B 196 11.54 -14.10 21.22
CA LYS B 196 12.72 -13.33 21.52
C LYS B 196 12.49 -11.83 21.29
N PHE B 197 11.77 -11.49 20.21
CA PHE B 197 11.48 -10.11 19.88
C PHE B 197 10.51 -9.51 20.90
N LEU B 198 9.61 -10.34 21.43
CA LEU B 198 8.64 -9.88 22.42
C LEU B 198 9.24 -9.77 23.82
N ALA B 199 10.36 -10.45 24.04
CA ALA B 199 11.03 -10.45 25.33
C ALA B 199 11.80 -9.15 25.56
N PRO B 200 12.16 -8.84 26.81
CA PRO B 200 12.90 -7.61 27.09
C PRO B 200 14.26 -7.57 26.40
N GLY B 201 14.78 -6.38 26.16
CA GLY B 201 16.07 -6.27 25.50
C GLY B 201 16.05 -6.42 23.98
N SER B 202 14.87 -6.53 23.37
CA SER B 202 14.81 -6.65 21.90
C SER B 202 14.81 -5.26 21.29
N LYS B 203 14.76 -5.17 19.96
CA LYS B 203 14.73 -3.86 19.33
C LYS B 203 13.31 -3.39 19.07
N ARG B 204 12.34 -4.10 19.65
CA ARG B 204 10.94 -3.73 19.49
C ARG B 204 10.72 -2.36 20.11
N LYS B 205 10.01 -1.48 19.41
CA LYS B 205 9.78 -0.15 19.96
C LYS B 205 8.51 -0.07 20.79
N PRO B 206 8.50 0.84 21.78
CA PRO B 206 7.34 1.02 22.63
C PRO B 206 6.37 1.99 21.99
N ILE B 207 5.19 2.13 22.58
CA ILE B 207 4.18 3.05 22.09
C ILE B 207 4.86 4.40 21.92
N SER B 208 4.56 5.11 20.84
CA SER B 208 5.15 6.42 20.58
C SER B 208 4.70 7.47 21.58
N ASP B 209 5.61 8.34 21.99
CA ASP B 209 5.31 9.38 22.96
C ASP B 209 5.52 10.77 22.36
N ASP B 210 5.46 11.79 23.20
CA ASP B 210 5.64 13.18 22.75
C ASP B 210 7.04 13.44 22.24
N LYS B 211 8.03 12.76 22.79
CA LYS B 211 9.40 12.95 22.33
C LYS B 211 9.52 12.49 20.89
N TYR B 212 8.78 11.46 20.52
CA TYR B 212 8.80 10.94 19.16
C TYR B 212 8.14 11.96 18.24
N VAL B 213 6.94 12.40 18.64
CA VAL B 213 6.16 13.39 17.88
C VAL B 213 6.95 14.67 17.62
N GLU B 214 7.72 15.11 18.60
CA GLU B 214 8.49 16.33 18.45
C GLU B 214 9.67 16.14 17.50
N THR B 215 10.42 15.06 17.69
CA THR B 215 11.58 14.75 16.85
C THR B 215 11.19 14.65 15.37
N VAL B 216 10.03 14.04 15.11
CA VAL B 216 9.56 13.88 13.74
C VAL B 216 9.21 15.25 13.17
N ARG B 217 8.52 16.06 13.98
CA ARG B 217 8.12 17.39 13.57
C ARG B 217 9.29 18.33 13.28
N ARG B 218 10.40 18.13 13.99
CA ARG B 218 11.58 18.97 13.78
C ARG B 218 12.36 18.59 12.53
N VAL B 219 12.66 17.30 12.40
CA VAL B 219 13.41 16.77 11.28
C VAL B 219 12.71 16.94 9.93
N LEU B 220 11.40 16.71 9.91
CA LEU B 220 10.64 16.80 8.67
C LEU B 220 9.88 18.10 8.49
N ARG B 221 9.57 18.77 9.60
CA ARG B 221 8.83 20.02 9.56
C ARG B 221 7.46 19.80 8.92
N MET B 222 6.76 18.76 9.36
CA MET B 222 5.44 18.43 8.84
C MET B 222 4.60 17.87 9.97
N TYR B 223 3.39 17.45 9.64
CA TYR B 223 2.49 16.85 10.61
C TYR B 223 2.32 17.72 11.85
N TYR B 224 2.28 19.04 11.62
CA TYR B 224 2.11 19.97 12.72
C TYR B 224 0.65 20.02 13.13
N ASP B 225 -0.22 19.61 12.20
CA ASP B 225 -1.66 19.62 12.46
C ASP B 225 -2.33 18.38 11.84
N VAL B 226 -2.16 17.24 12.49
CA VAL B 226 -2.73 15.98 12.03
C VAL B 226 -4.18 15.83 12.48
N LYS B 227 -5.08 15.71 11.52
CA LYS B 227 -6.50 15.55 11.82
C LYS B 227 -6.86 14.08 11.83
N PRO B 228 -7.66 13.64 12.82
CA PRO B 228 -8.06 12.23 12.91
C PRO B 228 -9.03 11.82 11.81
#